data_9DHM
#
_entry.id   9DHM
#
_cell.length_a   133.334
_cell.length_b   133.334
_cell.length_c   109.631
_cell.angle_alpha   90.00
_cell.angle_beta   90.00
_cell.angle_gamma   90.00
#
_symmetry.space_group_name_H-M   'P 41 21 2'
#
loop_
_entity.id
_entity.type
_entity.pdbx_description
1 polymer 'L-tyrosine/L-tryptophan isonitrile synthase family protein'
2 non-polymer 'PHOSPHATE ION'
3 non-polymer '(2S)-3-(4-hydroxyphenyl)-2-isocyanopropanoic acid'
#
_entity_poly.entity_id   1
_entity_poly.type   'polypeptide(L)'
_entity_poly.pdbx_seq_one_letter_code
;SENVSLNNISMQILRELLQYRRHLTDPVKNSAKEEEIIKTVQLPRIEYFIKNKKPIEFILPAFPTKSPNINKVLGTAPDM
AERLSLIFLNSFCQRIQLYYPPGARIIICSDGHVFGDLIHVSDEVISQYHEDIKQLLHEVGAINLSTFNLNDDKELAEHS
DDFNLQRQMLVKHYARSEASIKDELLQNNNGLQLYRAVTRFLYEDSLLPGYTGSNNALQKDAKQRAIGVIQRSWAWGSLL
DTHFPKAIRLSIHPQPADSIKFGIHMMPTRDDWLTPWHGVAANVNGQFILMKHKEVQMMGGKLVNIHGKPSHYVI
;
_entity_poly.pdbx_strand_id   A,B
#
loop_
_chem_comp.id
_chem_comp.type
_chem_comp.name
_chem_comp.formula
I3J non-polymer '(2S)-3-(4-hydroxyphenyl)-2-isocyanopropanoic acid' 'C10 H9 N O3'
PO4 non-polymer 'PHOSPHATE ION' 'O4 P -3'
#
# COMPACT_ATOMS: atom_id res chain seq x y z
N SER A 1 27.57 -12.48 22.27
CA SER A 1 26.34 -12.24 23.04
C SER A 1 25.17 -11.87 22.12
N GLU A 2 25.39 -10.88 21.24
CA GLU A 2 24.47 -10.51 20.16
C GLU A 2 23.17 -9.87 20.63
N ASN A 3 23.02 -9.59 21.93
CA ASN A 3 21.83 -8.87 22.38
C ASN A 3 21.83 -7.44 21.86
N VAL A 4 23.01 -6.92 21.52
CA VAL A 4 23.11 -5.67 20.79
C VAL A 4 22.41 -5.82 19.43
N SER A 5 22.62 -6.97 18.78
CA SER A 5 21.93 -7.24 17.52
C SER A 5 20.42 -7.34 17.71
N LEU A 6 19.99 -8.04 18.76
CA LEU A 6 18.56 -8.14 19.05
C LEU A 6 18.01 -6.76 19.39
N ASN A 7 18.76 -5.97 20.15
CA ASN A 7 18.33 -4.61 20.45
C ASN A 7 18.28 -3.77 19.18
N ASN A 8 19.21 -4.00 18.26
CA ASN A 8 19.19 -3.28 17.00
C ASN A 8 17.95 -3.60 16.19
N ILE A 9 17.48 -4.85 16.22
CA ILE A 9 16.25 -5.18 15.49
C ILE A 9 15.05 -4.50 16.15
N SER A 10 14.84 -4.76 17.44
CA SER A 10 13.64 -4.22 18.11
C SER A 10 13.62 -2.71 18.09
N MET A 11 14.79 -2.05 18.15
CA MET A 11 14.83 -0.61 18.07
C MET A 11 14.48 -0.08 16.69
N GLN A 12 14.72 -0.83 15.62
CA GLN A 12 14.27 -0.38 14.31
C GLN A 12 12.74 -0.43 14.22
N ILE A 13 12.13 -1.50 14.71
CA ILE A 13 10.66 -1.62 14.70
C ILE A 13 10.02 -0.53 15.57
N LEU A 14 10.64 -0.20 16.69
CA LEU A 14 10.14 0.87 17.55
C LEU A 14 10.32 2.21 16.87
N ARG A 15 11.47 2.42 16.24
CA ARG A 15 11.73 3.71 15.60
C ARG A 15 10.75 3.95 14.45
N GLU A 16 10.38 2.89 13.73
CA GLU A 16 9.35 3.04 12.69
C GLU A 16 7.99 3.40 13.28
N LEU A 17 7.55 2.63 14.29
CA LEU A 17 6.32 2.95 15.01
C LEU A 17 6.29 4.41 15.41
N LEU A 18 7.39 4.89 16.03
CA LEU A 18 7.44 6.24 16.55
C LEU A 18 7.16 7.27 15.48
N GLN A 19 7.59 7.01 14.25
CA GLN A 19 7.35 7.95 13.17
C GLN A 19 5.87 8.15 12.91
N TYR A 20 5.01 7.34 13.47
CA TYR A 20 3.59 7.45 13.16
C TYR A 20 2.74 7.63 14.41
N ARG A 21 3.31 8.21 15.47
CA ARG A 21 2.69 8.18 16.80
C ARG A 21 1.59 9.24 16.92
N ARG A 22 0.43 8.83 17.42
CA ARG A 22 -0.74 9.69 17.53
C ARG A 22 -0.84 10.13 18.98
N HIS A 23 -0.60 11.43 19.23
CA HIS A 23 -0.53 11.87 20.62
C HIS A 23 -1.09 13.29 20.76
N LEU A 24 -1.32 13.67 22.02
CA LEU A 24 -1.83 14.99 22.41
C LEU A 24 -0.75 16.05 22.21
N THR A 25 -0.90 16.91 21.21
CA THR A 25 0.21 17.77 20.84
C THR A 25 0.30 18.95 21.81
N ASP A 26 1.42 19.01 22.52
CA ASP A 26 1.65 20.10 23.46
C ASP A 26 3.11 20.52 23.43
N PRO A 27 3.42 21.79 23.13
CA PRO A 27 4.82 22.24 23.16
C PRO A 27 5.44 22.28 24.55
N VAL A 28 4.64 22.30 25.63
CA VAL A 28 5.26 22.14 26.95
C VAL A 28 5.91 20.77 27.07
N LYS A 29 5.32 19.74 26.46
CA LYS A 29 5.89 18.40 26.53
C LYS A 29 7.23 18.32 25.81
N ASN A 30 8.21 17.68 26.45
CA ASN A 30 9.44 17.39 25.75
C ASN A 30 9.29 15.99 25.17
N SER A 31 9.06 15.93 23.86
CA SER A 31 8.83 14.66 23.19
C SER A 31 9.98 13.71 23.43
N ALA A 32 11.20 14.25 23.56
CA ALA A 32 12.37 13.42 23.77
C ALA A 32 12.16 12.51 24.97
N LYS A 33 11.74 13.10 26.09
CA LYS A 33 11.49 12.30 27.29
C LYS A 33 10.39 11.28 27.00
N GLU A 34 9.37 11.67 26.23
CA GLU A 34 8.26 10.74 25.96
C GLU A 34 8.76 9.47 25.30
N GLU A 35 9.63 9.62 24.29
CA GLU A 35 10.17 8.45 23.60
C GLU A 35 10.97 7.61 24.57
N GLU A 36 11.88 8.25 25.31
CA GLU A 36 12.71 7.53 26.27
C GLU A 36 11.83 6.72 27.22
N ILE A 37 10.67 7.26 27.59
CA ILE A 37 9.73 6.50 28.38
C ILE A 37 9.13 5.37 27.56
N ILE A 38 8.72 5.66 26.32
CA ILE A 38 8.06 4.67 25.48
C ILE A 38 9.00 3.51 25.19
N LYS A 39 10.28 3.84 24.91
CA LYS A 39 11.30 2.83 24.63
C LYS A 39 11.33 1.81 25.76
N THR A 40 11.39 2.30 27.00
CA THR A 40 11.34 1.40 28.14
C THR A 40 10.06 0.57 28.15
N VAL A 41 8.97 1.12 27.60
CA VAL A 41 7.66 0.46 27.72
C VAL A 41 7.53 -0.67 26.70
N GLN A 42 7.79 -0.36 25.43
CA GLN A 42 7.39 -1.28 24.38
C GLN A 42 8.52 -2.18 23.91
N LEU A 43 9.77 -1.70 23.93
CA LEU A 43 10.89 -2.55 23.50
C LEU A 43 10.85 -3.96 24.07
N PRO A 44 10.72 -4.18 25.39
CA PRO A 44 10.61 -5.56 25.87
C PRO A 44 9.47 -6.35 25.25
N ARG A 45 8.28 -5.77 25.05
CA ARG A 45 7.18 -6.57 24.49
C ARG A 45 7.47 -6.95 23.04
N ILE A 46 8.18 -6.07 22.32
CA ILE A 46 8.67 -6.37 20.98
C ILE A 46 9.59 -7.58 21.03
N GLU A 47 10.59 -7.51 21.92
CA GLU A 47 11.64 -8.51 22.02
C GLU A 47 11.11 -9.89 22.36
N TYR A 48 9.93 -10.00 22.97
CA TYR A 48 9.36 -11.33 23.18
C TYR A 48 9.20 -12.04 21.84
N PHE A 49 8.78 -11.30 20.82
CA PHE A 49 8.55 -11.90 19.51
C PHE A 49 9.85 -12.21 18.79
N ILE A 50 10.83 -11.30 18.87
CA ILE A 50 12.08 -11.54 18.17
C ILE A 50 12.83 -12.71 18.78
N LYS A 51 12.94 -12.71 20.12
CA LYS A 51 13.64 -13.78 20.83
C LYS A 51 13.11 -15.15 20.44
N ASN A 52 11.81 -15.31 20.32
CA ASN A 52 11.26 -16.55 19.79
C ASN A 52 11.23 -16.61 18.26
N LYS A 53 11.88 -15.69 17.55
CA LYS A 53 11.92 -15.69 16.08
C LYS A 53 10.53 -15.82 15.44
N LYS A 54 9.51 -15.24 16.08
CA LYS A 54 8.13 -15.16 15.63
C LYS A 54 7.85 -13.79 14.98
N PRO A 55 6.72 -13.63 14.29
CA PRO A 55 6.37 -12.30 13.79
C PRO A 55 5.99 -11.38 14.96
N ILE A 56 6.14 -10.08 14.75
CA ILE A 56 5.67 -9.13 15.75
C ILE A 56 4.16 -9.04 15.66
N GLU A 57 3.47 -9.23 16.78
CA GLU A 57 1.98 -9.24 16.76
C GLU A 57 1.45 -7.91 17.27
N PHE A 58 0.58 -7.26 16.51
CA PHE A 58 0.00 -5.97 16.93
C PHE A 58 -1.51 -6.16 17.09
N ILE A 59 -2.10 -5.62 18.16
CA ILE A 59 -3.57 -5.71 18.29
C ILE A 59 -4.15 -4.29 18.21
N LEU A 60 -5.09 -4.07 17.30
CA LEU A 60 -5.71 -2.73 17.17
C LEU A 60 -7.23 -2.84 17.21
N PRO A 61 -7.94 -2.02 17.99
CA PRO A 61 -9.39 -2.03 17.93
C PRO A 61 -9.78 -0.80 17.09
N ALA A 62 -10.52 -1.01 16.00
CA ALA A 62 -10.82 0.13 15.10
C ALA A 62 -11.90 -0.19 14.07
N PHE A 63 -12.14 0.73 13.14
CA PHE A 63 -13.21 0.54 12.13
C PHE A 63 -14.49 -0.08 12.71
N PRO A 64 -15.04 0.36 13.86
CA PRO A 64 -16.29 -0.23 14.36
C PRO A 64 -17.47 -0.03 13.39
N THR A 65 -17.60 1.17 12.80
CA THR A 65 -18.72 1.48 11.86
C THR A 65 -18.62 2.94 11.44
N LYS A 66 -19.28 3.32 10.34
CA LYS A 66 -19.17 4.71 9.84
C LYS A 66 -20.12 5.60 10.65
N SER A 67 -19.75 6.87 10.88
CA SER A 67 -20.58 7.78 11.69
C SER A 67 -21.93 8.00 11.02
N PRO A 68 -23.05 8.07 11.78
CA PRO A 68 -24.36 8.36 11.18
C PRO A 68 -24.47 9.74 10.52
N ASN A 69 -23.91 10.78 11.13
CA ASN A 69 -24.04 12.16 10.61
C ASN A 69 -23.58 12.20 9.15
N ILE A 70 -24.49 12.55 8.22
CA ILE A 70 -24.05 12.65 6.80
C ILE A 70 -23.06 13.81 6.86
N ASN A 71 -23.30 14.75 7.76
CA ASN A 71 -22.47 15.97 7.83
C ASN A 71 -21.02 15.56 8.10
N LYS A 72 -20.81 14.56 8.94
CA LYS A 72 -19.44 14.14 9.32
C LYS A 72 -18.78 13.27 8.23
N VAL A 73 -19.50 12.33 7.63
CA VAL A 73 -18.89 11.38 6.68
C VAL A 73 -19.79 11.28 5.45
N LEU A 74 -19.25 10.68 4.38
CA LEU A 74 -19.99 10.68 3.11
C LEU A 74 -20.98 9.52 2.96
N GLY A 75 -20.77 8.38 3.61
CA GLY A 75 -21.62 7.24 3.31
C GLY A 75 -21.71 6.28 4.48
N THR A 76 -22.50 5.21 4.30
CA THR A 76 -22.48 4.18 5.35
C THR A 76 -21.34 3.21 5.14
N ALA A 77 -20.99 2.93 3.89
CA ALA A 77 -19.95 1.97 3.54
C ALA A 77 -18.56 2.56 3.76
N PRO A 78 -17.54 1.69 3.87
CA PRO A 78 -16.15 2.19 4.01
C PRO A 78 -15.70 2.90 2.74
N ASP A 79 -15.36 4.17 2.85
CA ASP A 79 -14.95 4.97 1.70
C ASP A 79 -13.42 4.83 1.47
N MET A 80 -12.83 5.77 0.71
CA MET A 80 -11.40 5.67 0.41
C MET A 80 -10.55 5.81 1.67
N ALA A 81 -11.01 6.60 2.64
CA ALA A 81 -10.26 6.83 3.87
C ALA A 81 -9.96 5.52 4.60
N GLU A 82 -10.93 4.61 4.66
CA GLU A 82 -10.65 3.27 5.19
C GLU A 82 -9.61 2.55 4.34
N ARG A 83 -9.79 2.57 3.02
CA ARG A 83 -8.90 1.83 2.14
C ARG A 83 -7.46 2.28 2.32
N LEU A 84 -7.21 3.58 2.23
CA LEU A 84 -5.85 4.09 2.43
C LEU A 84 -5.26 3.67 3.77
N SER A 85 -6.08 3.70 4.82
CA SER A 85 -5.57 3.38 6.15
C SER A 85 -5.27 1.90 6.27
N LEU A 86 -6.19 1.07 5.77
CA LEU A 86 -5.91 -0.36 5.68
C LEU A 86 -4.64 -0.60 4.87
N ILE A 87 -4.52 0.08 3.72
CA ILE A 87 -3.34 -0.11 2.89
C ILE A 87 -2.07 0.30 3.62
N PHE A 88 -2.14 1.38 4.41
CA PHE A 88 -0.95 1.79 5.14
C PHE A 88 -0.59 0.76 6.19
N LEU A 89 -1.57 0.22 6.90
CA LEU A 89 -1.27 -0.69 8.00
C LEU A 89 -0.54 -1.94 7.51
N ASN A 90 -1.07 -2.57 6.46
CA ASN A 90 -0.48 -3.77 5.88
C ASN A 90 0.92 -3.50 5.34
N SER A 91 1.12 -2.35 4.69
CA SER A 91 2.45 -1.96 4.25
C SER A 91 3.38 -1.69 5.43
N PHE A 92 2.86 -1.13 6.52
CA PHE A 92 3.69 -1.00 7.71
C PHE A 92 4.27 -2.35 8.08
N CYS A 93 3.45 -3.39 8.05
CA CYS A 93 3.93 -4.72 8.38
C CYS A 93 4.96 -5.25 7.39
N GLN A 94 4.88 -4.88 6.13
CA GLN A 94 5.86 -5.42 5.21
C GLN A 94 7.23 -4.78 5.40
N ARG A 95 7.34 -3.44 5.49
CA ARG A 95 8.66 -2.83 5.72
C ARG A 95 9.38 -3.52 6.89
N ILE A 96 8.63 -4.04 7.87
CA ILE A 96 9.30 -4.76 8.96
C ILE A 96 10.00 -6.01 8.43
N GLN A 97 9.47 -6.63 7.36
CA GLN A 97 10.12 -7.81 6.78
C GLN A 97 11.53 -7.48 6.32
N LEU A 98 11.76 -6.26 5.80
CA LEU A 98 13.10 -5.85 5.37
C LEU A 98 14.12 -5.90 6.51
N TYR A 99 13.72 -5.53 7.73
CA TYR A 99 14.62 -5.77 8.86
C TYR A 99 14.59 -7.25 9.25
N TYR A 100 13.38 -7.84 9.31
CA TYR A 100 13.09 -8.95 10.21
C TYR A 100 12.18 -9.92 9.50
N PRO A 101 12.73 -11.01 8.99
CA PRO A 101 12.02 -11.85 8.02
C PRO A 101 10.66 -12.35 8.48
N PRO A 102 10.46 -12.79 9.74
CA PRO A 102 9.12 -13.26 10.09
C PRO A 102 8.08 -12.21 9.82
N GLY A 103 8.45 -10.92 9.93
CA GLY A 103 7.55 -9.85 9.60
C GLY A 103 6.71 -9.40 10.76
N ALA A 104 5.51 -8.85 10.45
CA ALA A 104 4.61 -8.34 11.46
C ALA A 104 3.16 -8.48 11.01
N ARG A 105 2.26 -8.70 11.97
CA ARG A 105 0.85 -8.87 11.68
C ARG A 105 0.01 -8.00 12.63
N ILE A 106 -1.13 -7.53 12.14
CA ILE A 106 -2.06 -6.73 12.94
C ILE A 106 -3.44 -7.38 12.90
N ILE A 107 -3.95 -7.76 14.06
CA ILE A 107 -5.33 -8.31 14.12
C ILE A 107 -6.25 -7.12 14.41
N ILE A 108 -6.78 -6.49 13.37
CA ILE A 108 -7.74 -5.38 13.59
C ILE A 108 -8.95 -5.99 14.29
N CYS A 109 -9.48 -5.29 15.30
CA CYS A 109 -10.62 -5.86 16.06
C CYS A 109 -11.84 -4.97 15.84
N SER A 110 -12.97 -5.57 15.45
CA SER A 110 -14.13 -4.71 15.13
C SER A 110 -14.81 -4.23 16.41
N ASP A 111 -14.91 -2.91 16.57
CA ASP A 111 -15.52 -2.30 17.78
C ASP A 111 -17.04 -2.11 17.62
N GLY A 112 -17.56 -2.35 16.43
CA GLY A 112 -18.97 -2.00 16.14
C GLY A 112 -20.13 -2.56 16.94
N HIS A 113 -20.14 -3.86 17.24
CA HIS A 113 -21.36 -4.40 17.90
C HIS A 113 -21.26 -4.09 19.39
N VAL A 114 -20.08 -3.64 19.82
CA VAL A 114 -19.88 -3.36 21.24
C VAL A 114 -20.73 -2.19 21.68
N PHE A 115 -20.53 -1.04 21.08
CA PHE A 115 -21.26 0.13 21.53
C PHE A 115 -22.37 0.54 20.56
N GLY A 116 -22.78 -0.36 19.66
CA GLY A 116 -23.61 0.05 18.54
C GLY A 116 -24.89 0.80 18.94
N ASP A 117 -25.57 0.35 20.00
CA ASP A 117 -26.75 1.07 20.44
C ASP A 117 -26.41 2.46 20.97
N LEU A 118 -25.29 2.61 21.70
CA LEU A 118 -24.97 3.90 22.31
C LEU A 118 -24.60 4.93 21.26
N ILE A 119 -24.09 4.47 20.10
CA ILE A 119 -23.73 5.39 19.04
C ILE A 119 -24.85 5.62 18.04
N HIS A 120 -25.97 4.89 18.17
CA HIS A 120 -27.16 5.10 17.32
C HIS A 120 -26.89 4.66 15.88
N VAL A 121 -26.37 3.45 15.73
CA VAL A 121 -26.23 2.80 14.42
C VAL A 121 -26.83 1.40 14.51
N SER A 122 -27.63 1.05 13.50
CA SER A 122 -28.31 -0.25 13.50
C SER A 122 -27.30 -1.37 13.63
N ASP A 123 -27.67 -2.45 14.34
CA ASP A 123 -26.78 -3.62 14.36
C ASP A 123 -26.61 -4.21 12.97
N GLU A 124 -27.58 -3.98 12.10
CA GLU A 124 -27.49 -4.48 10.74
C GLU A 124 -26.49 -3.68 9.91
N VAL A 125 -26.51 -2.34 10.04
CA VAL A 125 -25.56 -1.50 9.33
C VAL A 125 -24.14 -1.83 9.73
N ILE A 126 -23.91 -1.98 11.04
CA ILE A 126 -22.61 -2.32 11.57
C ILE A 126 -22.11 -3.62 10.95
N SER A 127 -22.99 -4.62 10.88
CA SER A 127 -22.59 -5.89 10.29
C SER A 127 -22.13 -5.71 8.85
N GLN A 128 -22.83 -4.85 8.09
CA GLN A 128 -22.45 -4.67 6.70
C GLN A 128 -21.14 -3.93 6.58
N TYR A 129 -20.95 -2.86 7.36
CA TYR A 129 -19.63 -2.25 7.45
C TYR A 129 -18.55 -3.29 7.66
N HIS A 130 -18.83 -4.27 8.52
CA HIS A 130 -17.82 -5.24 8.89
C HIS A 130 -17.51 -6.19 7.74
N GLU A 131 -18.53 -6.78 7.11
CA GLU A 131 -18.26 -7.61 5.95
C GLU A 131 -17.49 -6.84 4.90
N ASP A 132 -17.86 -5.58 4.72
CA ASP A 132 -17.20 -4.75 3.71
C ASP A 132 -15.75 -4.53 4.04
N ILE A 133 -15.42 -4.27 5.30
CA ILE A 133 -14.02 -4.01 5.62
C ILE A 133 -13.20 -5.26 5.37
N LYS A 134 -13.75 -6.44 5.68
CA LYS A 134 -13.03 -7.66 5.32
C LYS A 134 -12.84 -7.75 3.82
N GLN A 135 -13.88 -7.42 3.06
CA GLN A 135 -13.78 -7.44 1.61
C GLN A 135 -12.75 -6.43 1.13
N LEU A 136 -12.66 -5.30 1.80
CA LEU A 136 -11.69 -4.29 1.39
C LEU A 136 -10.27 -4.86 1.58
N LEU A 137 -10.08 -5.63 2.65
CA LEU A 137 -8.79 -6.31 2.84
C LEU A 137 -8.51 -7.31 1.71
N HIS A 138 -9.54 -8.02 1.24
CA HIS A 138 -9.29 -8.95 0.15
C HIS A 138 -9.10 -8.24 -1.17
N GLU A 139 -9.95 -7.26 -1.49
CA GLU A 139 -9.72 -6.46 -2.69
C GLU A 139 -8.28 -5.97 -2.75
N VAL A 140 -7.77 -5.48 -1.61
CA VAL A 140 -6.48 -4.81 -1.60
C VAL A 140 -5.31 -5.75 -1.29
N GLY A 141 -5.57 -7.02 -1.01
CA GLY A 141 -4.46 -7.95 -0.75
C GLY A 141 -3.67 -7.61 0.50
N ALA A 142 -4.34 -7.15 1.55
CA ALA A 142 -3.70 -6.76 2.80
C ALA A 142 -3.54 -8.02 3.66
N ILE A 143 -2.53 -8.80 3.29
CA ILE A 143 -2.28 -10.12 3.84
C ILE A 143 -1.97 -10.08 5.33
N ASN A 144 -1.07 -9.19 5.76
CA ASN A 144 -0.67 -9.16 7.17
C ASN A 144 -1.82 -8.80 8.09
N LEU A 145 -2.90 -8.22 7.58
CA LEU A 145 -3.98 -7.80 8.44
C LEU A 145 -5.04 -8.89 8.56
N SER A 146 -5.56 -9.00 9.76
CA SER A 146 -6.51 -10.00 10.21
C SER A 146 -7.69 -9.28 10.83
N THR A 147 -8.82 -9.97 11.00
CA THR A 147 -9.94 -9.38 11.74
C THR A 147 -10.29 -10.23 12.98
N PHE A 148 -10.72 -9.55 14.04
CA PHE A 148 -11.22 -10.24 15.22
C PHE A 148 -12.61 -9.74 15.55
N ASN A 149 -13.58 -10.67 15.59
CA ASN A 149 -14.99 -10.35 15.69
C ASN A 149 -15.40 -10.35 17.15
N LEU A 150 -16.59 -9.83 17.41
CA LEU A 150 -17.22 -10.12 18.68
C LEU A 150 -17.61 -11.60 18.76
N ASN A 151 -18.08 -12.17 17.63
CA ASN A 151 -18.48 -13.58 17.56
C ASN A 151 -17.32 -14.51 17.87
N ASP A 152 -16.11 -14.08 17.51
CA ASP A 152 -14.92 -14.95 17.67
C ASP A 152 -14.80 -15.40 19.13
N ASP A 153 -15.27 -14.61 20.08
CA ASP A 153 -15.06 -15.05 21.48
C ASP A 153 -15.84 -16.34 21.69
N LYS A 154 -15.22 -17.32 22.33
CA LYS A 154 -15.89 -18.61 22.61
C LYS A 154 -17.08 -18.40 23.56
N GLU A 155 -16.91 -17.56 24.57
CA GLU A 155 -17.96 -17.44 25.62
C GLU A 155 -19.27 -16.92 25.02
N LEU A 156 -19.23 -15.94 24.13
CA LEU A 156 -20.53 -15.54 23.53
C LEU A 156 -21.02 -16.72 22.70
N ALA A 157 -22.28 -17.11 22.82
CA ALA A 157 -22.70 -18.32 22.09
C ALA A 157 -23.12 -17.96 20.67
N GLU A 158 -22.22 -17.37 19.89
CA GLU A 158 -22.54 -17.15 18.46
C GLU A 158 -23.89 -16.43 18.36
N HIS A 159 -24.14 -15.42 19.19
CA HIS A 159 -25.50 -14.84 19.16
C HIS A 159 -25.56 -13.84 18.01
N SER A 160 -25.52 -14.35 16.78
CA SER A 160 -25.68 -13.46 15.61
C SER A 160 -27.08 -12.87 15.71
N ASP A 161 -28.04 -13.70 16.12
CA ASP A 161 -29.45 -13.26 16.21
C ASP A 161 -29.57 -12.13 17.24
N ASP A 162 -28.86 -12.23 18.37
CA ASP A 162 -29.06 -11.19 19.41
C ASP A 162 -27.72 -10.64 19.90
N PHE A 163 -27.29 -9.53 19.29
CA PHE A 163 -26.06 -8.87 19.70
C PHE A 163 -26.24 -8.33 21.11
N ASN A 164 -27.47 -7.95 21.46
CA ASN A 164 -27.74 -7.50 22.81
C ASN A 164 -27.37 -8.58 23.79
N LEU A 165 -27.64 -9.84 23.44
CA LEU A 165 -27.20 -10.97 24.25
C LEU A 165 -25.69 -10.97 24.38
N GLN A 166 -24.98 -10.82 23.26
CA GLN A 166 -23.54 -10.67 23.30
C GLN A 166 -23.14 -9.44 24.12
N ARG A 167 -23.91 -8.35 23.99
CA ARG A 167 -23.57 -7.14 24.74
C ARG A 167 -23.64 -7.37 26.24
N GLN A 168 -24.75 -7.93 26.72
CA GLN A 168 -24.86 -8.11 28.17
C GLN A 168 -23.77 -9.02 28.70
N MET A 169 -23.42 -10.08 27.97
CA MET A 169 -22.39 -10.98 28.48
C MET A 169 -21.04 -10.28 28.58
N LEU A 170 -20.72 -9.41 27.63
CA LEU A 170 -19.44 -8.70 27.71
C LEU A 170 -19.41 -7.76 28.92
N VAL A 171 -20.48 -6.99 29.14
CA VAL A 171 -20.53 -6.07 30.27
C VAL A 171 -20.38 -6.82 31.58
N LYS A 172 -21.12 -7.92 31.76
CA LYS A 172 -21.03 -8.65 33.03
C LYS A 172 -19.60 -9.07 33.32
N HIS A 173 -19.03 -9.85 32.42
CA HIS A 173 -17.78 -10.52 32.72
C HIS A 173 -16.59 -9.56 32.64
N TYR A 174 -16.68 -8.52 31.81
CA TYR A 174 -15.51 -7.72 31.49
C TYR A 174 -15.64 -6.21 31.72
N ALA A 175 -16.81 -5.69 32.13
CA ALA A 175 -16.93 -4.25 32.34
C ALA A 175 -16.58 -3.83 33.76
N ARG A 176 -16.32 -2.55 33.89
CA ARG A 176 -16.22 -1.95 35.21
C ARG A 176 -17.36 -0.96 35.43
N SER A 177 -17.63 -0.67 36.68
CA SER A 177 -18.69 0.29 36.99
C SER A 177 -18.43 1.62 36.32
N GLU A 178 -19.47 2.18 35.69
CA GLU A 178 -19.39 3.54 35.16
C GLU A 178 -18.93 4.49 36.26
N ALA A 179 -19.35 4.21 37.49
CA ALA A 179 -18.84 4.94 38.63
C ALA A 179 -17.32 4.82 38.72
N SER A 180 -16.79 3.59 38.60
CA SER A 180 -15.34 3.39 38.57
C SER A 180 -14.72 4.01 37.30
N ILE A 181 -15.50 4.13 36.22
CA ILE A 181 -15.00 4.76 35.00
C ILE A 181 -14.84 6.28 35.19
N LYS A 182 -15.93 7.02 35.50
CA LYS A 182 -15.80 8.48 35.66
C LYS A 182 -14.66 8.82 36.62
N ASP A 183 -14.49 8.03 37.68
CA ASP A 183 -13.40 8.33 38.59
C ASP A 183 -12.07 8.25 37.87
N GLU A 184 -11.86 7.17 37.11
CA GLU A 184 -10.56 6.97 36.46
C GLU A 184 -10.32 7.99 35.35
N LEU A 185 -11.35 8.36 34.61
CA LEU A 185 -11.13 9.39 33.61
C LEU A 185 -10.71 10.70 34.24
N LEU A 186 -11.22 11.00 35.43
CA LEU A 186 -10.94 12.32 35.98
C LEU A 186 -9.61 12.45 36.73
N GLN A 187 -8.84 11.38 36.95
CA GLN A 187 -7.63 11.58 37.74
C GLN A 187 -6.55 12.29 36.92
N ASN A 188 -6.44 11.99 35.63
CA ASN A 188 -5.35 12.41 34.76
C ASN A 188 -5.84 13.33 33.65
N ASN A 189 -4.99 14.27 33.22
CA ASN A 189 -5.34 15.05 32.05
C ASN A 189 -5.58 14.15 30.83
N ASN A 190 -4.94 12.97 30.77
CA ASN A 190 -5.27 12.07 29.67
C ASN A 190 -6.71 11.60 29.78
N GLY A 191 -7.11 11.16 30.98
CA GLY A 191 -8.50 10.72 31.15
C GLY A 191 -9.50 11.82 30.86
N LEU A 192 -9.19 13.04 31.29
CA LEU A 192 -10.06 14.17 30.98
C LEU A 192 -10.20 14.35 29.48
N GLN A 193 -9.09 14.21 28.73
CA GLN A 193 -9.16 14.53 27.30
C GLN A 193 -9.81 13.41 26.50
N LEU A 194 -9.80 12.19 27.03
CA LEU A 194 -10.61 11.14 26.45
C LEU A 194 -12.09 11.46 26.62
N TYR A 195 -12.49 11.79 27.85
CA TYR A 195 -13.87 12.12 28.18
C TYR A 195 -14.43 13.21 27.25
N ARG A 196 -13.69 14.31 27.06
CA ARG A 196 -14.21 15.39 26.22
C ARG A 196 -14.36 14.94 24.77
N ALA A 197 -13.33 14.29 24.26
CA ALA A 197 -13.35 13.80 22.88
C ALA A 197 -14.56 12.91 22.61
N VAL A 198 -14.79 11.94 23.49
CA VAL A 198 -15.89 10.99 23.29
C VAL A 198 -17.23 11.71 23.37
N THR A 199 -17.35 12.71 24.24
CA THR A 199 -18.58 13.47 24.34
C THR A 199 -18.77 14.36 23.11
N ARG A 200 -17.69 15.00 22.67
CA ARG A 200 -17.78 15.89 21.48
C ARG A 200 -18.21 15.07 20.28
N PHE A 201 -17.55 13.94 20.03
CA PHE A 201 -17.86 13.17 18.81
C PHE A 201 -19.31 12.71 18.83
N LEU A 202 -19.76 12.24 19.99
CA LEU A 202 -21.16 11.75 20.10
C LEU A 202 -22.12 12.92 19.84
N TYR A 203 -21.80 14.09 20.39
CA TYR A 203 -22.65 15.28 20.14
C TYR A 203 -22.62 15.60 18.65
N GLU A 204 -21.45 15.51 18.04
CA GLU A 204 -21.31 15.82 16.60
C GLU A 204 -22.16 14.82 15.82
N ASP A 205 -22.15 13.57 16.24
CA ASP A 205 -22.90 12.53 15.48
C ASP A 205 -24.38 12.92 15.55
N SER A 206 -24.85 13.39 16.71
CA SER A 206 -26.24 13.90 16.71
C SER A 206 -26.24 15.15 15.83
N LEU A 207 -27.22 15.32 14.94
CA LEU A 207 -27.28 16.45 13.98
C LEU A 207 -28.28 16.09 12.87
N ASN A 215 -30.41 21.21 22.95
CA ASN A 215 -28.97 21.12 22.58
C ASN A 215 -28.15 20.86 23.84
N ASN A 216 -28.41 21.61 24.91
CA ASN A 216 -27.72 21.34 26.20
C ASN A 216 -28.14 19.94 26.65
N ALA A 217 -29.41 19.61 26.46
CA ALA A 217 -29.89 18.25 26.81
C ALA A 217 -29.15 17.25 25.93
N LEU A 218 -28.95 17.58 24.65
CA LEU A 218 -28.18 16.68 23.75
C LEU A 218 -26.76 16.57 24.29
N GLN A 219 -26.20 17.68 24.75
CA GLN A 219 -24.82 17.65 25.34
C GLN A 219 -24.85 16.75 26.57
N LYS A 220 -25.90 16.85 27.36
CA LYS A 220 -26.01 16.02 28.58
C LYS A 220 -26.05 14.56 28.13
N ASP A 221 -26.79 14.28 27.05
CA ASP A 221 -26.93 12.88 26.61
C ASP A 221 -25.54 12.39 26.22
N ALA A 222 -24.78 13.22 25.52
CA ALA A 222 -23.45 12.78 25.05
C ALA A 222 -22.59 12.49 26.28
N LYS A 223 -22.67 13.34 27.29
CA LYS A 223 -21.80 13.16 28.48
C LYS A 223 -22.13 11.81 29.11
N GLN A 224 -23.41 11.52 29.31
CA GLN A 224 -23.74 10.19 29.82
C GLN A 224 -23.39 9.06 28.84
N ARG A 225 -23.74 9.23 27.55
CA ARG A 225 -23.42 8.20 26.57
C ARG A 225 -21.92 7.97 26.47
N ALA A 226 -21.13 9.02 26.67
CA ALA A 226 -19.68 8.87 26.65
C ALA A 226 -19.21 7.88 27.71
N ILE A 227 -19.58 8.11 28.97
CA ILE A 227 -19.11 7.18 29.99
C ILE A 227 -19.52 5.76 29.62
N GLY A 228 -20.68 5.62 28.97
CA GLY A 228 -21.12 4.30 28.54
C GLY A 228 -20.26 3.73 27.43
N VAL A 229 -20.05 4.52 26.36
CA VAL A 229 -19.20 4.09 25.26
C VAL A 229 -17.77 3.82 25.73
N ILE A 230 -17.25 4.60 26.68
CA ILE A 230 -15.93 4.29 27.26
C ILE A 230 -15.95 2.95 28.00
N GLN A 231 -16.99 2.73 28.81
CA GLN A 231 -17.07 1.48 29.57
C GLN A 231 -17.08 0.28 28.63
N ARG A 232 -17.85 0.41 27.53
CA ARG A 232 -18.00 -0.68 26.57
C ARG A 232 -16.71 -0.92 25.82
N SER A 233 -16.04 0.15 25.40
CA SER A 233 -14.78 0.03 24.66
C SER A 233 -13.66 -0.46 25.55
N TRP A 234 -13.73 -0.21 26.86
CA TRP A 234 -12.76 -0.78 27.77
C TRP A 234 -13.07 -2.23 28.11
N ALA A 235 -14.32 -2.67 27.95
CA ALA A 235 -14.65 -4.08 28.05
C ALA A 235 -14.06 -4.86 26.89
N TRP A 236 -14.39 -4.43 25.67
CA TRP A 236 -13.78 -4.99 24.48
C TRP A 236 -12.26 -4.99 24.62
N GLY A 237 -11.72 -4.04 25.39
CA GLY A 237 -10.29 -4.07 25.66
C GLY A 237 -9.86 -5.27 26.49
N SER A 238 -10.52 -5.49 27.64
CA SER A 238 -10.17 -6.63 28.49
C SER A 238 -10.45 -7.97 27.82
N LEU A 239 -11.51 -8.06 27.00
CA LEU A 239 -11.70 -9.28 26.22
C LEU A 239 -10.47 -9.57 25.40
N LEU A 240 -10.00 -8.57 24.66
CA LEU A 240 -8.75 -8.68 23.94
C LEU A 240 -7.55 -8.78 24.88
N ASP A 241 -7.59 -8.13 26.04
CA ASP A 241 -6.43 -8.15 26.93
C ASP A 241 -6.04 -9.58 27.31
N THR A 242 -7.03 -10.44 27.53
CA THR A 242 -6.79 -11.84 27.85
C THR A 242 -6.48 -12.66 26.59
N HIS A 243 -7.22 -12.42 25.49
CA HIS A 243 -7.07 -13.25 24.29
C HIS A 243 -5.66 -13.13 23.70
N PHE A 244 -5.15 -11.91 23.58
CA PHE A 244 -3.86 -11.63 22.94
C PHE A 244 -2.93 -10.90 23.90
N PRO A 245 -2.53 -11.53 25.01
CA PRO A 245 -1.78 -10.78 26.05
C PRO A 245 -0.42 -10.33 25.59
N LYS A 246 0.31 -11.16 24.87
CA LYS A 246 1.67 -10.79 24.60
C LYS A 246 1.80 -9.83 23.44
N ALA A 247 0.68 -9.52 22.75
CA ALA A 247 0.67 -8.61 21.61
C ALA A 247 0.82 -7.14 21.97
N ILE A 248 1.75 -6.48 21.29
CA ILE A 248 1.85 -5.02 21.23
C ILE A 248 0.49 -4.40 21.02
N ARG A 249 0.17 -3.36 21.78
CA ARG A 249 -1.16 -2.77 21.78
C ARG A 249 -1.21 -1.47 20.99
N LEU A 250 -2.00 -1.46 19.93
CA LEU A 250 -2.17 -0.27 19.11
C LEU A 250 -3.55 0.31 19.36
N SER A 251 -3.65 1.64 19.40
CA SER A 251 -4.91 2.31 19.59
C SER A 251 -5.06 3.42 18.58
N ILE A 252 -6.31 3.75 18.26
CA ILE A 252 -6.57 4.89 17.39
C ILE A 252 -6.81 6.14 18.23
N HIS A 253 -6.55 6.04 19.53
CA HIS A 253 -6.66 7.19 20.42
C HIS A 253 -5.27 7.65 20.88
N PRO A 254 -5.11 8.96 21.16
CA PRO A 254 -3.84 9.46 21.71
C PRO A 254 -3.55 8.77 23.04
N GLN A 255 -2.27 8.47 23.30
CA GLN A 255 -1.94 7.70 24.49
C GLN A 255 -0.82 8.32 25.30
N PRO A 256 -0.85 8.16 26.62
CA PRO A 256 0.27 8.61 27.45
C PRO A 256 1.53 7.83 27.13
N ALA A 257 2.67 8.52 27.22
CA ALA A 257 3.94 7.87 26.98
C ALA A 257 4.22 6.73 27.95
N ASP A 258 3.43 6.60 29.04
CA ASP A 258 3.63 5.48 29.96
C ASP A 258 2.66 4.34 29.72
N SER A 259 1.67 4.53 28.85
CA SER A 259 0.66 3.52 28.63
C SER A 259 1.25 2.27 27.98
N ILE A 260 0.65 1.11 28.25
CA ILE A 260 0.95 -0.03 27.39
C ILE A 260 0.42 0.23 25.98
N LYS A 261 -0.73 0.88 25.87
CA LYS A 261 -1.27 1.20 24.55
C LYS A 261 -0.39 2.22 23.85
N PHE A 262 -0.26 2.07 22.54
CA PHE A 262 0.53 2.96 21.69
C PHE A 262 -0.41 3.53 20.66
N GLY A 263 -0.57 4.86 20.67
CA GLY A 263 -1.49 5.52 19.76
C GLY A 263 -0.87 5.65 18.38
N ILE A 264 -1.65 5.32 17.36
CA ILE A 264 -1.14 5.30 16.00
C ILE A 264 -2.05 6.11 15.07
N HIS A 265 -1.44 6.79 14.11
CA HIS A 265 -2.13 7.46 13.01
C HIS A 265 -2.04 6.61 11.75
N MET A 266 -3.09 6.62 10.92
CA MET A 266 -3.10 5.83 9.69
C MET A 266 -3.24 6.66 8.42
N MET A 267 -3.34 7.98 8.53
CA MET A 267 -3.49 8.92 7.44
C MET A 267 -2.92 10.21 7.95
N PRO A 268 -2.56 11.14 7.07
CA PRO A 268 -2.27 12.49 7.56
C PRO A 268 -3.58 13.17 7.95
N THR A 269 -3.58 13.80 9.13
CA THR A 269 -4.75 14.51 9.63
C THR A 269 -4.38 15.58 10.67
N ARG A 270 -5.10 16.70 10.63
CA ARG A 270 -4.81 17.81 11.58
C ARG A 270 -5.47 17.57 12.98
N ASP A 271 -6.28 16.52 13.04
CA ASP A 271 -6.89 16.13 14.33
C ASP A 271 -6.30 14.85 14.94
N ASP A 272 -5.92 14.91 16.21
CA ASP A 272 -5.38 13.72 16.91
C ASP A 272 -6.47 12.66 16.96
N TRP A 273 -7.72 13.07 17.21
CA TRP A 273 -8.80 12.07 17.40
C TRP A 273 -9.53 11.70 16.11
N LEU A 274 -9.29 12.39 14.98
CA LEU A 274 -10.05 12.00 13.81
C LEU A 274 -9.61 10.61 13.30
N THR A 275 -10.58 9.76 13.01
CA THR A 275 -10.33 8.43 12.48
C THR A 275 -11.18 8.26 11.23
N PRO A 276 -10.81 7.34 10.32
CA PRO A 276 -11.49 7.28 9.01
C PRO A 276 -12.98 7.05 9.03
N TRP A 277 -13.53 6.47 10.09
CA TRP A 277 -14.97 6.29 10.17
C TRP A 277 -15.67 7.54 10.71
N HIS A 278 -14.92 8.59 11.05
CA HIS A 278 -15.48 9.87 11.42
C HIS A 278 -15.19 10.94 10.37
N GLY A 279 -14.77 10.55 9.19
CA GLY A 279 -14.31 11.51 8.21
C GLY A 279 -14.58 11.11 6.77
N VAL A 280 -13.91 11.84 5.87
CA VAL A 280 -13.79 11.48 4.47
C VAL A 280 -12.36 11.79 4.04
N ALA A 281 -11.89 11.05 3.02
CA ALA A 281 -10.55 11.24 2.47
C ALA A 281 -10.56 12.34 1.41
N ALA A 282 -9.69 13.33 1.57
CA ALA A 282 -9.63 14.47 0.67
C ALA A 282 -8.24 14.57 0.05
N ASN A 283 -8.18 14.67 -1.28
CA ASN A 283 -6.91 14.89 -1.96
C ASN A 283 -6.74 16.38 -2.13
N VAL A 284 -5.80 16.92 -1.36
CA VAL A 284 -5.54 18.35 -1.26
C VAL A 284 -4.06 18.55 -1.53
N ASN A 285 -3.74 19.24 -2.62
CA ASN A 285 -2.34 19.48 -2.94
C ASN A 285 -1.62 18.14 -3.11
N GLY A 286 -2.28 17.23 -3.86
CA GLY A 286 -1.67 15.93 -4.19
C GLY A 286 -1.26 15.14 -2.98
N GLN A 287 -1.93 15.35 -1.86
CA GLN A 287 -1.75 14.60 -0.64
C GLN A 287 -3.12 14.25 -0.12
N PHE A 288 -3.32 13.00 0.24
CA PHE A 288 -4.59 12.62 0.82
C PHE A 288 -4.62 13.05 2.28
N ILE A 289 -5.71 13.68 2.70
CA ILE A 289 -5.90 14.16 4.08
C ILE A 289 -7.23 13.67 4.61
N LEU A 290 -7.28 13.45 5.93
CA LEU A 290 -8.51 13.10 6.62
C LEU A 290 -9.18 14.36 7.20
N MET A 291 -10.33 14.76 6.64
CA MET A 291 -11.10 15.93 7.08
C MET A 291 -12.56 15.58 7.09
N LYS A 292 -13.36 16.37 7.84
CA LYS A 292 -14.76 15.99 8.02
C LYS A 292 -15.58 16.43 6.80
N HIS A 293 -16.63 15.65 6.50
CA HIS A 293 -17.35 15.80 5.23
C HIS A 293 -17.96 17.19 5.08
N LYS A 294 -18.45 17.78 6.16
CA LYS A 294 -18.90 19.17 6.09
C LYS A 294 -17.74 20.09 5.72
N GLU A 295 -16.69 20.14 6.57
CA GLU A 295 -15.59 21.07 6.38
C GLU A 295 -15.03 21.01 4.96
N VAL A 296 -15.07 19.84 4.34
CA VAL A 296 -14.65 19.69 2.94
C VAL A 296 -15.71 20.28 2.01
N GLN A 297 -17.00 20.15 2.34
CA GLN A 297 -18.03 20.75 1.48
C GLN A 297 -17.90 22.28 1.41
N MET A 298 -17.70 22.98 2.54
CA MET A 298 -17.36 24.41 2.46
C MET A 298 -16.05 24.61 1.71
N MET A 299 -15.13 23.67 1.79
CA MET A 299 -14.01 23.76 0.89
C MET A 299 -14.50 23.51 -0.54
N GLY A 300 -13.75 23.97 -1.53
CA GLY A 300 -14.25 23.82 -2.88
C GLY A 300 -13.77 22.42 -3.15
N GLY A 301 -14.64 21.43 -2.95
CA GLY A 301 -14.22 20.05 -2.92
C GLY A 301 -15.17 19.41 -3.93
N LYS A 302 -14.59 18.68 -4.86
CA LYS A 302 -15.34 17.94 -5.87
C LYS A 302 -15.32 16.47 -5.47
N LEU A 303 -16.49 15.88 -5.25
CA LEU A 303 -16.55 14.47 -4.90
C LEU A 303 -16.08 13.61 -6.07
N VAL A 304 -15.36 12.53 -5.76
CA VAL A 304 -14.99 11.50 -6.72
C VAL A 304 -15.62 10.20 -6.26
N ASN A 305 -16.11 9.40 -7.19
CA ASN A 305 -16.80 8.17 -6.81
C ASN A 305 -16.25 6.97 -7.59
N ILE A 306 -16.02 5.86 -6.90
CA ILE A 306 -15.52 4.62 -7.50
C ILE A 306 -16.41 3.46 -7.13
N HIS A 307 -16.68 2.59 -8.11
CA HIS A 307 -17.68 1.52 -8.01
C HIS A 307 -19.06 2.10 -7.72
N GLY A 308 -19.34 3.27 -8.31
CA GLY A 308 -20.57 3.99 -8.06
C GLY A 308 -20.58 4.72 -6.74
N LYS A 309 -20.49 3.98 -5.63
CA LYS A 309 -20.43 4.60 -4.28
C LYS A 309 -19.29 5.63 -4.20
N PRO A 310 -19.51 6.85 -3.69
CA PRO A 310 -18.45 7.86 -3.66
C PRO A 310 -17.27 7.43 -2.76
N SER A 311 -16.04 7.61 -3.24
CA SER A 311 -14.85 7.26 -2.44
C SER A 311 -14.20 8.45 -1.74
N HIS A 312 -14.01 9.57 -2.44
CA HIS A 312 -13.23 10.70 -1.85
C HIS A 312 -13.57 12.05 -2.50
N TYR A 313 -13.15 13.15 -1.84
CA TYR A 313 -13.37 14.51 -2.42
C TYR A 313 -12.02 15.08 -2.86
N VAL A 314 -11.92 15.60 -4.09
CA VAL A 314 -10.61 16.11 -4.60
C VAL A 314 -10.60 17.63 -4.64
N ILE A 315 -9.52 18.25 -4.16
CA ILE A 315 -9.36 19.70 -4.19
C ILE A 315 -8.03 20.01 -4.86
N SER B 1 30.75 21.28 5.21
CA SER B 1 29.74 21.94 4.38
C SER B 1 28.33 21.66 4.88
N GLU B 2 27.36 22.41 4.35
CA GLU B 2 25.95 22.08 4.51
C GLU B 2 25.51 21.07 3.46
N ASN B 3 26.46 20.63 2.63
CA ASN B 3 26.28 19.60 1.60
C ASN B 3 26.09 18.22 2.19
N VAL B 4 26.45 18.05 3.46
CA VAL B 4 26.12 16.85 4.21
C VAL B 4 24.61 16.65 4.22
N SER B 5 23.87 17.73 4.40
CA SER B 5 22.42 17.67 4.40
C SER B 5 21.90 17.11 3.08
N LEU B 6 22.49 17.54 1.97
CA LEU B 6 22.09 17.06 0.65
C LEU B 6 22.43 15.58 0.45
N ASN B 7 23.65 15.17 0.83
CA ASN B 7 24.04 13.79 0.63
C ASN B 7 23.33 12.83 1.57
N ASN B 8 23.07 13.25 2.81
CA ASN B 8 22.32 12.38 3.72
C ASN B 8 20.95 12.06 3.14
N ILE B 9 20.32 13.03 2.48
CA ILE B 9 19.03 12.75 1.86
C ILE B 9 19.20 11.87 0.66
N SER B 10 20.03 12.29 -0.29
CA SER B 10 20.16 11.55 -1.55
C SER B 10 20.68 10.13 -1.32
N MET B 11 21.49 9.90 -0.29
CA MET B 11 21.88 8.53 -0.01
C MET B 11 20.72 7.70 0.53
N GLN B 12 19.81 8.29 1.32
CA GLN B 12 18.64 7.55 1.80
C GLN B 12 17.70 7.21 0.67
N ILE B 13 17.51 8.13 -0.28
CA ILE B 13 16.68 7.80 -1.44
C ILE B 13 17.31 6.64 -2.19
N LEU B 14 18.63 6.67 -2.36
CA LEU B 14 19.31 5.60 -3.07
C LEU B 14 19.27 4.28 -2.31
N ARG B 15 19.44 4.30 -0.98
CA ARG B 15 19.45 3.05 -0.22
C ARG B 15 18.12 2.37 -0.31
N GLU B 16 17.04 3.15 -0.36
CA GLU B 16 15.72 2.58 -0.53
C GLU B 16 15.59 1.91 -1.90
N LEU B 17 15.89 2.66 -2.94
CA LEU B 17 15.91 2.11 -4.29
C LEU B 17 16.70 0.82 -4.38
N LEU B 18 17.88 0.79 -3.76
CA LEU B 18 18.77 -0.40 -3.94
C LEU B 18 18.08 -1.67 -3.43
N GLN B 19 17.20 -1.55 -2.45
CA GLN B 19 16.57 -2.76 -1.84
C GLN B 19 15.76 -3.50 -2.90
N TYR B 20 15.06 -2.78 -3.77
CA TYR B 20 14.14 -3.42 -4.73
C TYR B 20 14.81 -3.73 -6.07
N ARG B 21 16.11 -3.48 -6.21
CA ARG B 21 16.83 -3.64 -7.51
C ARG B 21 16.55 -4.97 -8.22
N ARG B 22 16.42 -4.93 -9.56
CA ARG B 22 16.19 -6.10 -10.42
C ARG B 22 17.42 -6.23 -11.32
N HIS B 23 18.22 -7.28 -11.08
CA HIS B 23 19.50 -7.45 -11.80
C HIS B 23 19.74 -8.94 -12.06
N LEU B 24 20.56 -9.22 -13.07
CA LEU B 24 20.89 -10.61 -13.42
C LEU B 24 21.73 -11.04 -12.22
N THR B 25 21.30 -12.12 -11.60
CA THR B 25 21.79 -12.50 -10.27
C THR B 25 22.92 -13.48 -10.53
N ASP B 26 24.11 -13.13 -10.05
CA ASP B 26 25.29 -13.96 -10.16
C ASP B 26 26.01 -13.94 -8.81
N PRO B 27 26.32 -15.10 -8.23
CA PRO B 27 26.90 -15.08 -6.88
C PRO B 27 28.30 -14.48 -6.84
N VAL B 28 29.06 -14.67 -7.91
CA VAL B 28 30.44 -14.17 -8.00
C VAL B 28 30.53 -12.66 -7.91
N LYS B 29 29.51 -11.95 -8.40
CA LYS B 29 29.54 -10.48 -8.35
C LYS B 29 29.48 -10.02 -6.90
N ASN B 30 30.34 -9.05 -6.57
CA ASN B 30 30.35 -8.48 -5.23
C ASN B 30 29.41 -7.27 -5.21
N SER B 31 28.29 -7.42 -4.51
CA SER B 31 27.24 -6.39 -4.50
C SER B 31 27.79 -5.03 -4.14
N ALA B 32 28.81 -4.99 -3.28
CA ALA B 32 29.34 -3.71 -2.83
C ALA B 32 29.90 -2.90 -3.98
N LYS B 33 30.77 -3.50 -4.79
CA LYS B 33 31.37 -2.75 -5.88
C LYS B 33 30.29 -2.28 -6.85
N GLU B 34 29.37 -3.17 -7.25
CA GLU B 34 28.33 -2.74 -8.18
C GLU B 34 27.40 -1.69 -7.57
N GLU B 35 27.14 -1.75 -6.26
CA GLU B 35 26.37 -0.66 -5.64
C GLU B 35 27.12 0.67 -5.75
N GLU B 36 28.40 0.68 -5.37
CA GLU B 36 29.19 1.90 -5.51
C GLU B 36 29.16 2.43 -6.94
N ILE B 37 29.06 1.54 -7.92
CA ILE B 37 28.96 2.00 -9.30
C ILE B 37 27.64 2.74 -9.49
N ILE B 38 26.54 2.19 -8.99
CA ILE B 38 25.23 2.81 -9.20
C ILE B 38 25.19 4.17 -8.51
N LYS B 39 25.76 4.23 -7.29
CA LYS B 39 25.84 5.48 -6.54
C LYS B 39 26.46 6.57 -7.39
N THR B 40 27.57 6.26 -8.07
CA THR B 40 28.17 7.24 -8.98
C THR B 40 27.22 7.63 -10.11
N VAL B 41 26.37 6.72 -10.57
CA VAL B 41 25.53 7.07 -11.71
C VAL B 41 24.32 7.87 -11.27
N GLN B 42 23.65 7.46 -10.19
CA GLN B 42 22.34 8.03 -9.89
C GLN B 42 22.33 9.14 -8.84
N LEU B 43 23.21 9.06 -7.81
CA LEU B 43 23.24 10.10 -6.78
C LEU B 43 23.20 11.50 -7.37
N PRO B 44 24.04 11.86 -8.38
CA PRO B 44 23.85 13.15 -9.04
C PRO B 44 22.46 13.39 -9.59
N ARG B 45 21.84 12.42 -10.25
CA ARG B 45 20.52 12.72 -10.79
C ARG B 45 19.51 12.93 -9.67
N ILE B 46 19.65 12.21 -8.55
CA ILE B 46 18.80 12.44 -7.39
C ILE B 46 19.02 13.86 -6.87
N GLU B 47 20.28 14.19 -6.60
CA GLU B 47 20.62 15.44 -5.94
C GLU B 47 20.22 16.65 -6.75
N TYR B 48 20.13 16.53 -8.07
CA TYR B 48 19.67 17.67 -8.84
C TYR B 48 18.28 18.09 -8.37
N PHE B 49 17.45 17.09 -8.04
CA PHE B 49 16.07 17.36 -7.56
C PHE B 49 16.08 17.89 -6.12
N ILE B 50 17.03 17.44 -5.31
CA ILE B 50 17.14 18.02 -3.93
C ILE B 50 17.49 19.51 -4.08
N LYS B 51 18.37 19.85 -5.01
CA LYS B 51 18.67 21.28 -5.29
C LYS B 51 17.35 21.91 -5.78
N ASN B 52 16.60 21.16 -6.59
CA ASN B 52 15.28 21.63 -7.08
C ASN B 52 14.34 21.82 -5.89
N LYS B 53 14.43 20.96 -4.85
CA LYS B 53 13.43 20.99 -3.74
C LYS B 53 12.07 20.68 -4.37
N LYS B 54 12.07 19.76 -5.35
CA LYS B 54 10.83 19.35 -6.05
C LYS B 54 10.78 17.83 -5.93
N PRO B 55 9.61 17.16 -6.04
CA PRO B 55 9.55 15.73 -5.78
C PRO B 55 10.44 14.92 -6.74
N ILE B 56 11.13 13.92 -6.20
CA ILE B 56 12.06 13.11 -7.05
C ILE B 56 11.22 12.53 -8.19
N GLU B 57 11.53 12.92 -9.42
CA GLU B 57 10.72 12.50 -10.56
C GLU B 57 11.33 11.24 -11.15
N PHE B 58 10.53 10.18 -11.20
CA PHE B 58 10.94 8.93 -11.81
C PHE B 58 10.00 8.62 -12.97
N ILE B 59 10.57 8.04 -14.02
CA ILE B 59 9.84 7.56 -15.18
C ILE B 59 9.99 6.05 -15.22
N LEU B 60 8.88 5.35 -15.42
CA LEU B 60 8.96 3.87 -15.56
C LEU B 60 8.05 3.42 -16.71
N PRO B 61 8.59 2.79 -17.77
CA PRO B 61 7.72 2.27 -18.81
C PRO B 61 7.25 0.92 -18.30
N ALA B 62 5.94 0.74 -18.20
CA ALA B 62 5.38 -0.49 -17.60
C ALA B 62 3.93 -0.71 -18.02
N PHE B 63 3.39 -1.88 -17.70
CA PHE B 63 1.96 -2.19 -17.94
C PHE B 63 1.50 -1.86 -19.37
N PRO B 64 2.23 -2.22 -20.46
CA PRO B 64 1.68 -1.93 -21.78
C PRO B 64 0.40 -2.70 -22.11
N THR B 65 0.35 -4.01 -21.86
CA THR B 65 -0.89 -4.81 -22.05
C THR B 65 -0.74 -6.13 -21.30
N LYS B 66 -1.83 -6.84 -21.03
CA LYS B 66 -1.70 -8.19 -20.43
C LYS B 66 -1.16 -9.16 -21.49
N SER B 67 -0.39 -10.17 -21.07
CA SER B 67 0.10 -11.19 -22.03
C SER B 67 -1.07 -11.98 -22.60
N PRO B 68 -1.08 -12.32 -23.91
CA PRO B 68 -2.12 -13.16 -24.48
C PRO B 68 -2.17 -14.57 -23.92
N ASN B 69 -1.00 -15.18 -23.69
CA ASN B 69 -0.99 -16.60 -23.26
C ASN B 69 -1.70 -16.78 -21.92
N ILE B 70 -2.64 -17.72 -21.87
CA ILE B 70 -3.35 -18.04 -20.64
C ILE B 70 -2.51 -18.88 -19.68
N ASN B 71 -1.52 -19.64 -20.17
CA ASN B 71 -0.53 -20.28 -19.28
C ASN B 71 0.20 -19.25 -18.45
N LYS B 72 0.37 -18.06 -18.99
CA LYS B 72 1.07 -16.97 -18.33
C LYS B 72 0.13 -16.28 -17.35
N VAL B 73 -1.01 -15.80 -17.83
CA VAL B 73 -1.85 -14.89 -17.07
C VAL B 73 -3.28 -15.43 -17.04
N LEU B 74 -4.08 -14.87 -16.12
CA LEU B 74 -5.41 -15.40 -15.87
C LEU B 74 -6.44 -14.85 -16.84
N GLY B 75 -6.26 -13.60 -17.29
CA GLY B 75 -7.28 -12.87 -18.03
C GLY B 75 -6.62 -11.73 -18.78
N THR B 76 -7.44 -10.96 -19.49
CA THR B 76 -6.94 -9.75 -20.17
C THR B 76 -6.93 -8.52 -19.27
N ALA B 77 -7.83 -8.43 -18.28
CA ALA B 77 -7.87 -7.25 -17.42
C ALA B 77 -6.76 -7.28 -16.37
N PRO B 78 -6.40 -6.13 -15.81
CA PRO B 78 -5.40 -6.10 -14.72
C PRO B 78 -5.95 -6.83 -13.50
N ASP B 79 -5.25 -7.90 -13.11
CA ASP B 79 -5.65 -8.68 -11.94
C ASP B 79 -4.90 -8.15 -10.70
N MET B 80 -4.88 -8.94 -9.64
CA MET B 80 -4.31 -8.49 -8.38
C MET B 80 -2.83 -8.16 -8.51
N ALA B 81 -2.11 -8.89 -9.36
CA ALA B 81 -0.68 -8.65 -9.52
C ALA B 81 -0.40 -7.23 -9.99
N GLU B 82 -1.16 -6.73 -10.98
CA GLU B 82 -1.03 -5.34 -11.35
C GLU B 82 -1.29 -4.44 -10.15
N ARG B 83 -2.32 -4.77 -9.39
CA ARG B 83 -2.72 -3.97 -8.23
C ARG B 83 -1.61 -3.88 -7.19
N LEU B 84 -1.10 -5.03 -6.75
CA LEU B 84 -0.05 -5.07 -5.75
C LEU B 84 1.18 -4.24 -6.16
N SER B 85 1.57 -4.32 -7.43
CA SER B 85 2.78 -3.67 -7.91
C SER B 85 2.63 -2.15 -7.89
N LEU B 86 1.50 -1.66 -8.42
CA LEU B 86 1.18 -0.24 -8.34
C LEU B 86 1.08 0.22 -6.90
N ILE B 87 0.46 -0.58 -6.04
CA ILE B 87 0.34 -0.19 -4.63
C ILE B 87 1.71 -0.05 -4.00
N PHE B 88 2.65 -0.93 -4.39
CA PHE B 88 4.00 -0.80 -3.87
C PHE B 88 4.63 0.49 -4.38
N LEU B 89 4.36 0.81 -5.63
CA LEU B 89 5.03 1.94 -6.26
C LEU B 89 4.66 3.24 -5.58
N ASN B 90 3.37 3.48 -5.38
CA ASN B 90 2.97 4.73 -4.72
C ASN B 90 3.55 4.80 -3.32
N SER B 91 3.55 3.66 -2.62
CA SER B 91 4.05 3.57 -1.26
C SER B 91 5.53 3.91 -1.17
N PHE B 92 6.31 3.49 -2.18
CA PHE B 92 7.72 3.85 -2.25
C PHE B 92 7.93 5.36 -2.20
N CYS B 93 7.16 6.09 -3.01
CA CYS B 93 7.25 7.55 -3.08
C CYS B 93 6.82 8.22 -1.79
N GLN B 94 5.95 7.58 -1.04
CA GLN B 94 5.55 8.17 0.23
C GLN B 94 6.69 8.08 1.25
N ARG B 95 7.28 6.89 1.42
CA ARG B 95 8.39 6.75 2.36
C ARG B 95 9.44 7.84 2.18
N ILE B 96 9.61 8.26 0.93
CA ILE B 96 10.62 9.30 0.61
C ILE B 96 10.20 10.59 1.32
N GLN B 97 8.89 10.81 1.43
CA GLN B 97 8.42 12.08 2.04
C GLN B 97 9.03 12.18 3.43
N LEU B 98 9.10 11.07 4.15
CA LEU B 98 9.60 11.24 5.53
C LEU B 98 11.05 11.73 5.48
N TYR B 99 11.88 11.14 4.62
CA TYR B 99 13.25 11.68 4.45
C TYR B 99 13.24 13.07 3.83
N TYR B 100 12.40 13.25 2.79
CA TYR B 100 12.43 14.52 2.03
C TYR B 100 11.01 15.09 1.94
N PRO B 101 10.77 16.34 2.32
CA PRO B 101 9.40 16.88 2.34
C PRO B 101 8.72 16.94 0.96
N PRO B 102 9.35 17.32 -0.17
CA PRO B 102 8.63 17.37 -1.44
C PRO B 102 8.14 15.97 -1.82
N GLY B 103 8.95 14.94 -1.58
CA GLY B 103 8.49 13.56 -1.83
C GLY B 103 8.98 13.06 -3.17
N ALA B 104 8.22 12.14 -3.79
CA ALA B 104 8.60 11.68 -5.14
C ALA B 104 7.36 11.37 -5.98
N ARG B 105 7.47 11.47 -7.30
CA ARG B 105 6.34 11.10 -8.19
C ARG B 105 6.88 10.16 -9.27
N ILE B 106 6.08 9.18 -9.71
CA ILE B 106 6.54 8.21 -10.73
C ILE B 106 5.64 8.29 -11.96
N ILE B 107 6.22 8.59 -13.12
CA ILE B 107 5.43 8.61 -14.38
C ILE B 107 5.43 7.18 -14.90
N ILE B 108 4.25 6.60 -15.12
CA ILE B 108 4.22 5.25 -15.71
C ILE B 108 3.83 5.43 -17.17
N CYS B 109 4.73 5.05 -18.07
CA CYS B 109 4.51 5.18 -19.53
C CYS B 109 3.98 3.83 -20.01
N SER B 110 2.67 3.73 -20.23
CA SER B 110 2.02 2.41 -20.48
C SER B 110 1.54 2.12 -21.90
N ASP B 111 2.02 2.81 -22.94
CA ASP B 111 1.34 2.53 -24.23
C ASP B 111 1.73 1.18 -24.83
N GLY B 112 0.74 0.29 -24.96
CA GLY B 112 0.88 -1.03 -25.58
C GLY B 112 1.13 -1.02 -27.07
N HIS B 113 0.40 -0.13 -27.77
CA HIS B 113 0.39 -0.09 -29.26
C HIS B 113 1.78 0.01 -29.86
N VAL B 114 2.78 0.29 -29.06
CA VAL B 114 4.12 0.48 -29.67
C VAL B 114 4.46 -0.86 -30.31
N PHE B 115 4.11 -1.96 -29.65
CA PHE B 115 4.42 -3.31 -30.18
C PHE B 115 3.14 -4.11 -30.40
N GLY B 116 1.97 -3.48 -30.30
CA GLY B 116 0.74 -4.27 -30.39
C GLY B 116 0.72 -5.21 -31.59
N ASP B 117 1.18 -4.70 -32.72
CA ASP B 117 1.28 -5.49 -33.94
C ASP B 117 2.26 -6.64 -33.77
N LEU B 118 3.36 -6.42 -33.05
CA LEU B 118 4.37 -7.47 -32.89
C LEU B 118 3.97 -8.53 -31.86
N ILE B 119 3.21 -8.15 -30.84
CA ILE B 119 2.84 -9.05 -29.74
C ILE B 119 1.51 -9.77 -29.95
N HIS B 120 0.77 -9.46 -31.02
CA HIS B 120 -0.47 -10.18 -31.37
C HIS B 120 -1.62 -9.86 -30.39
N VAL B 121 -1.82 -8.57 -30.07
CA VAL B 121 -2.93 -8.10 -29.25
C VAL B 121 -3.62 -6.93 -29.94
N SER B 122 -4.96 -6.96 -29.94
CA SER B 122 -5.78 -5.93 -30.57
C SER B 122 -5.49 -4.53 -29.99
N ASP B 123 -5.47 -3.49 -30.86
CA ASP B 123 -5.39 -2.12 -30.32
C ASP B 123 -6.53 -1.79 -29.37
N GLU B 124 -7.68 -2.47 -29.52
CA GLU B 124 -8.77 -2.22 -28.60
C GLU B 124 -8.45 -2.77 -27.22
N VAL B 125 -7.94 -4.01 -27.16
CA VAL B 125 -7.60 -4.65 -25.88
C VAL B 125 -6.56 -3.84 -25.11
N ILE B 126 -5.52 -3.40 -25.82
CA ILE B 126 -4.51 -2.54 -25.21
C ILE B 126 -5.17 -1.29 -24.64
N SER B 127 -6.05 -0.66 -25.41
CA SER B 127 -6.71 0.56 -24.95
C SER B 127 -7.51 0.31 -23.68
N GLN B 128 -8.16 -0.86 -23.59
CA GLN B 128 -8.97 -1.21 -22.42
C GLN B 128 -8.10 -1.45 -21.20
N TYR B 129 -7.06 -2.26 -21.35
CA TYR B 129 -6.06 -2.45 -20.30
C TYR B 129 -5.56 -1.11 -19.76
N HIS B 130 -5.38 -0.13 -20.63
CA HIS B 130 -4.85 1.16 -20.16
C HIS B 130 -5.89 1.90 -19.32
N GLU B 131 -7.13 1.96 -19.80
CA GLU B 131 -8.18 2.57 -18.97
C GLU B 131 -8.35 1.81 -17.66
N ASP B 132 -8.22 0.48 -17.69
CA ASP B 132 -8.31 -0.31 -16.46
C ASP B 132 -7.20 0.06 -15.48
N ILE B 133 -5.97 0.24 -15.97
CA ILE B 133 -4.87 0.65 -15.11
C ILE B 133 -5.10 2.05 -14.53
N LYS B 134 -5.63 2.98 -15.33
CA LYS B 134 -5.94 4.30 -14.81
C LYS B 134 -6.99 4.24 -13.70
N GLN B 135 -8.03 3.40 -13.87
CA GLN B 135 -9.05 3.23 -12.84
C GLN B 135 -8.45 2.66 -11.57
N LEU B 136 -7.51 1.73 -11.72
CA LEU B 136 -6.79 1.16 -10.58
C LEU B 136 -6.02 2.22 -9.84
N LEU B 137 -5.36 3.13 -10.59
CA LEU B 137 -4.59 4.18 -9.93
C LEU B 137 -5.48 5.04 -9.06
N HIS B 138 -6.72 5.24 -9.48
CA HIS B 138 -7.71 5.92 -8.67
C HIS B 138 -8.32 4.99 -7.62
N GLU B 139 -8.79 3.82 -8.05
CA GLU B 139 -9.38 2.83 -7.16
C GLU B 139 -8.55 2.63 -5.90
N VAL B 140 -7.22 2.60 -6.06
CA VAL B 140 -6.28 2.36 -4.95
C VAL B 140 -5.73 3.64 -4.31
N GLY B 141 -6.03 4.82 -4.85
CA GLY B 141 -5.58 6.07 -4.28
C GLY B 141 -4.09 6.38 -4.37
N ALA B 142 -3.46 6.08 -5.51
CA ALA B 142 -2.02 6.30 -5.73
C ALA B 142 -1.75 7.70 -6.22
N ILE B 143 -1.64 8.65 -5.28
CA ILE B 143 -1.48 10.04 -5.69
C ILE B 143 -0.18 10.21 -6.46
N ASN B 144 0.91 9.68 -5.91
CA ASN B 144 2.25 9.87 -6.47
C ASN B 144 2.42 9.22 -7.84
N LEU B 145 1.48 8.39 -8.30
CA LEU B 145 1.61 7.79 -9.63
C LEU B 145 0.93 8.63 -10.70
N SER B 146 1.57 8.72 -11.86
CA SER B 146 1.12 9.51 -12.99
C SER B 146 1.06 8.59 -14.21
N THR B 147 0.30 8.96 -15.24
CA THR B 147 0.34 8.19 -16.48
C THR B 147 0.74 9.03 -17.67
N PHE B 148 1.49 8.39 -18.54
CA PHE B 148 1.89 8.98 -19.80
C PHE B 148 1.60 7.97 -20.91
N ASN B 149 0.67 8.30 -21.77
CA ASN B 149 0.23 7.45 -22.84
C ASN B 149 0.86 7.98 -24.12
N LEU B 150 0.70 7.25 -25.22
CA LEU B 150 1.28 7.71 -26.47
C LEU B 150 0.63 9.02 -26.97
N ASN B 151 -0.69 9.14 -26.84
CA ASN B 151 -1.43 10.30 -27.36
C ASN B 151 -1.06 11.63 -26.69
N ASP B 152 -0.56 11.61 -25.44
CA ASP B 152 -0.26 12.85 -24.72
C ASP B 152 0.94 13.62 -25.25
N ASP B 153 1.80 12.97 -26.03
CA ASP B 153 2.90 13.65 -26.71
C ASP B 153 2.43 14.45 -27.94
N LYS B 154 1.63 13.80 -28.81
CA LYS B 154 1.07 14.36 -30.06
C LYS B 154 2.09 14.35 -31.21
N ASP B 161 -3.54 10.83 -34.64
CA ASP B 161 -4.04 10.20 -33.41
C ASP B 161 -4.72 8.84 -33.70
N ASP B 162 -4.21 8.21 -34.77
CA ASP B 162 -4.56 6.87 -35.23
C ASP B 162 -3.32 6.02 -35.04
N PHE B 163 -3.50 4.85 -34.39
CA PHE B 163 -2.33 4.11 -33.88
C PHE B 163 -1.47 3.50 -34.99
N ASN B 164 -2.09 2.97 -36.06
CA ASN B 164 -1.27 2.40 -37.12
C ASN B 164 -0.39 3.45 -37.76
N LEU B 165 -0.96 4.63 -38.00
CA LEU B 165 -0.20 5.78 -38.43
C LEU B 165 0.78 6.20 -37.32
N GLN B 166 0.31 6.21 -36.06
CA GLN B 166 1.17 6.55 -34.90
C GLN B 166 2.36 5.59 -34.77
N ARG B 167 2.18 4.29 -35.07
CA ARG B 167 3.32 3.39 -35.05
C ARG B 167 4.36 3.82 -36.08
N GLN B 168 3.94 4.01 -37.33
CA GLN B 168 4.86 4.48 -38.37
C GLN B 168 5.45 5.82 -38.00
N MET B 169 4.63 6.70 -37.43
CA MET B 169 5.14 8.00 -37.00
C MET B 169 6.26 7.82 -35.98
N LEU B 170 6.10 6.84 -35.07
CA LEU B 170 7.09 6.61 -34.02
C LEU B 170 8.35 5.98 -34.58
N VAL B 171 8.19 4.93 -35.38
CA VAL B 171 9.34 4.23 -35.95
C VAL B 171 10.23 5.24 -36.66
N LYS B 172 9.62 6.11 -37.47
CA LYS B 172 10.40 7.08 -38.23
C LYS B 172 11.25 7.96 -37.31
N HIS B 173 10.64 8.60 -36.32
CA HIS B 173 11.41 9.62 -35.61
C HIS B 173 12.41 9.06 -34.60
N TYR B 174 12.15 7.90 -33.99
CA TYR B 174 12.96 7.44 -32.87
C TYR B 174 13.56 6.05 -32.98
N ALA B 175 13.19 5.27 -33.99
CA ALA B 175 13.71 3.92 -34.08
C ALA B 175 15.10 3.95 -34.70
N ARG B 176 15.80 2.83 -34.57
CA ARG B 176 17.09 2.60 -35.20
C ARG B 176 16.91 1.46 -36.19
N SER B 177 17.86 1.34 -37.13
CA SER B 177 17.80 0.19 -38.03
C SER B 177 17.81 -1.07 -37.18
N GLU B 178 16.89 -2.00 -37.46
CA GLU B 178 16.88 -3.27 -36.75
C GLU B 178 18.26 -3.92 -36.78
N ALA B 179 18.97 -3.78 -37.90
CA ALA B 179 20.34 -4.27 -37.99
C ALA B 179 21.22 -3.60 -36.93
N SER B 180 21.11 -2.28 -36.80
CA SER B 180 21.88 -1.57 -35.76
C SER B 180 21.48 -2.03 -34.36
N ILE B 181 20.24 -2.48 -34.18
CA ILE B 181 19.81 -3.06 -32.90
C ILE B 181 20.47 -4.43 -32.71
N LYS B 182 20.21 -5.35 -33.65
CA LYS B 182 20.74 -6.72 -33.56
C LYS B 182 22.24 -6.70 -33.28
N ASP B 183 22.94 -5.71 -33.84
CA ASP B 183 24.38 -5.55 -33.61
C ASP B 183 24.70 -5.26 -32.15
N GLU B 184 24.02 -4.26 -31.57
CA GLU B 184 24.29 -3.82 -30.20
C GLU B 184 23.88 -4.88 -29.19
N LEU B 185 22.80 -5.59 -29.48
CA LEU B 185 22.35 -6.66 -28.61
C LEU B 185 23.41 -7.75 -28.47
N LEU B 186 24.25 -7.95 -29.49
CA LEU B 186 25.26 -8.99 -29.44
C LEU B 186 26.57 -8.56 -28.78
N GLN B 187 26.80 -7.28 -28.50
CA GLN B 187 28.06 -6.94 -27.84
C GLN B 187 28.00 -7.27 -26.35
N ASN B 188 26.85 -7.10 -25.72
CA ASN B 188 26.77 -7.16 -24.27
C ASN B 188 26.05 -8.42 -23.85
N ASN B 189 26.52 -9.04 -22.76
CA ASN B 189 25.74 -10.13 -22.16
C ASN B 189 24.37 -9.61 -21.72
N ASN B 190 24.29 -8.34 -21.30
CA ASN B 190 23.01 -7.72 -20.96
C ASN B 190 22.16 -7.57 -22.21
N GLY B 191 22.73 -6.99 -23.26
CA GLY B 191 22.00 -6.93 -24.50
C GLY B 191 21.64 -8.33 -24.97
N LEU B 192 22.60 -9.24 -24.84
CA LEU B 192 22.38 -10.63 -25.21
C LEU B 192 21.21 -11.22 -24.44
N GLN B 193 21.17 -10.96 -23.13
CA GLN B 193 20.16 -11.59 -22.30
C GLN B 193 18.80 -10.90 -22.44
N LEU B 194 18.79 -9.65 -22.87
CA LEU B 194 17.53 -9.06 -23.25
C LEU B 194 16.98 -9.77 -24.47
N TYR B 195 17.84 -10.02 -25.47
CA TYR B 195 17.42 -10.71 -26.67
C TYR B 195 16.80 -12.08 -26.32
N ARG B 196 17.50 -12.84 -25.48
CA ARG B 196 17.00 -14.20 -25.20
C ARG B 196 15.63 -14.10 -24.52
N ALA B 197 15.50 -13.28 -23.47
CA ALA B 197 14.25 -13.24 -22.70
C ALA B 197 13.08 -12.77 -23.58
N VAL B 198 13.30 -11.76 -24.40
CA VAL B 198 12.15 -11.22 -25.20
C VAL B 198 11.68 -12.34 -26.11
N THR B 199 12.64 -13.09 -26.67
CA THR B 199 12.27 -14.18 -27.61
C THR B 199 11.44 -15.22 -26.84
N ARG B 200 11.83 -15.53 -25.59
CA ARG B 200 11.10 -16.58 -24.84
C ARG B 200 9.67 -16.12 -24.60
N PHE B 201 9.47 -14.85 -24.23
CA PHE B 201 8.10 -14.44 -23.89
C PHE B 201 7.23 -14.58 -25.14
N LEU B 202 7.77 -14.17 -26.28
CA LEU B 202 6.99 -14.24 -27.54
C LEU B 202 6.72 -15.71 -27.86
N TYR B 203 7.70 -16.58 -27.66
CA TYR B 203 7.50 -18.00 -28.04
C TYR B 203 6.38 -18.58 -27.19
N GLU B 204 6.39 -18.28 -25.89
CA GLU B 204 5.35 -18.81 -24.98
C GLU B 204 3.99 -18.27 -25.40
N ASP B 205 3.93 -16.99 -25.74
CA ASP B 205 2.66 -16.40 -26.21
C ASP B 205 2.22 -17.08 -27.51
N SER B 206 3.17 -17.35 -28.40
CA SER B 206 2.81 -17.91 -29.74
C SER B 206 2.13 -19.27 -29.74
N LEU B 207 2.59 -20.23 -28.94
CA LEU B 207 2.01 -21.58 -29.03
C LEU B 207 0.54 -21.61 -28.54
N LEU B 208 0.20 -20.73 -27.60
CA LEU B 208 -1.21 -20.60 -27.15
C LEU B 208 -2.03 -20.86 -28.41
N THR B 212 -0.69 -24.90 -35.21
CA THR B 212 -0.46 -25.43 -36.58
C THR B 212 1.04 -25.49 -36.87
N GLY B 213 1.66 -24.34 -37.12
CA GLY B 213 3.11 -24.30 -37.33
C GLY B 213 3.83 -24.72 -36.07
N SER B 214 4.94 -25.45 -36.18
CA SER B 214 5.56 -25.99 -34.95
C SER B 214 7.08 -25.78 -34.91
N ASN B 215 7.65 -25.79 -33.71
CA ASN B 215 9.13 -25.74 -33.55
C ASN B 215 9.79 -24.49 -34.13
N ASN B 216 10.76 -24.67 -35.04
CA ASN B 216 11.63 -23.56 -35.47
C ASN B 216 10.90 -22.37 -36.09
N ALA B 217 9.85 -22.60 -36.88
CA ALA B 217 9.25 -21.42 -37.54
C ALA B 217 8.75 -20.46 -36.47
N LEU B 218 8.14 -20.97 -35.40
CA LEU B 218 7.71 -20.07 -34.31
C LEU B 218 8.95 -19.43 -33.70
N GLN B 219 10.01 -20.21 -33.49
CA GLN B 219 11.21 -19.67 -32.82
C GLN B 219 11.84 -18.56 -33.68
N LYS B 220 11.93 -18.77 -34.98
CA LYS B 220 12.47 -17.71 -35.87
C LYS B 220 11.54 -16.50 -35.80
N ASP B 221 10.24 -16.75 -35.82
CA ASP B 221 9.26 -15.63 -35.84
C ASP B 221 9.46 -14.86 -34.54
N ALA B 222 9.65 -15.58 -33.44
CA ALA B 222 9.93 -14.90 -32.16
C ALA B 222 11.19 -14.06 -32.35
N LYS B 223 12.30 -14.70 -32.70
CA LYS B 223 13.55 -13.94 -32.83
C LYS B 223 13.40 -12.73 -33.76
N GLN B 224 12.65 -12.88 -34.86
CA GLN B 224 12.42 -11.74 -35.75
C GLN B 224 11.51 -10.72 -35.08
N ARG B 225 10.40 -11.20 -34.48
CA ARG B 225 9.50 -10.30 -33.75
C ARG B 225 10.24 -9.63 -32.59
N ALA B 226 11.12 -10.40 -31.94
CA ALA B 226 11.87 -9.87 -30.81
C ALA B 226 12.63 -8.62 -31.21
N ILE B 227 13.47 -8.72 -32.24
CA ILE B 227 14.27 -7.57 -32.63
C ILE B 227 13.38 -6.35 -32.88
N GLY B 228 12.15 -6.59 -33.37
CA GLY B 228 11.24 -5.48 -33.58
C GLY B 228 10.79 -4.80 -32.30
N VAL B 229 10.31 -5.61 -31.35
CA VAL B 229 9.87 -5.08 -30.06
C VAL B 229 11.01 -4.36 -29.33
N ILE B 230 12.25 -4.82 -29.52
CA ILE B 230 13.39 -4.09 -28.96
C ILE B 230 13.47 -2.71 -29.58
N GLN B 231 13.32 -2.65 -30.91
CA GLN B 231 13.42 -1.39 -31.64
C GLN B 231 12.33 -0.43 -31.19
N ARG B 232 11.10 -0.93 -31.07
CA ARG B 232 9.97 -0.11 -30.67
C ARG B 232 10.12 0.39 -29.24
N SER B 233 10.51 -0.51 -28.33
CA SER B 233 10.67 -0.13 -26.94
C SER B 233 11.85 0.80 -26.72
N TRP B 234 12.82 0.79 -27.61
CA TRP B 234 13.87 1.79 -27.53
C TRP B 234 13.46 3.08 -28.25
N ALA B 235 12.49 2.98 -29.16
CA ALA B 235 11.93 4.17 -29.79
C ALA B 235 11.15 5.00 -28.78
N TRP B 236 10.18 4.38 -28.11
CA TRP B 236 9.48 5.03 -27.00
C TRP B 236 10.44 5.50 -25.91
N GLY B 237 11.54 4.78 -25.69
CA GLY B 237 12.52 5.24 -24.73
C GLY B 237 13.21 6.51 -25.17
N SER B 238 13.62 6.56 -26.43
CA SER B 238 14.22 7.76 -26.97
C SER B 238 13.24 8.94 -26.87
N LEU B 239 11.94 8.67 -27.06
CA LEU B 239 10.92 9.71 -26.89
C LEU B 239 10.90 10.25 -25.48
N LEU B 240 10.73 9.37 -24.49
CA LEU B 240 10.70 9.81 -23.10
C LEU B 240 11.97 10.50 -22.71
N ASP B 241 13.08 10.14 -23.37
CA ASP B 241 14.35 10.79 -23.11
C ASP B 241 14.21 12.30 -23.32
N THR B 242 13.43 12.69 -24.33
CA THR B 242 13.22 14.11 -24.61
C THR B 242 12.29 14.72 -23.57
N HIS B 243 11.17 14.05 -23.28
CA HIS B 243 10.14 14.62 -22.44
C HIS B 243 10.58 14.80 -20.99
N PHE B 244 11.19 13.77 -20.40
CA PHE B 244 11.55 13.79 -18.98
C PHE B 244 13.05 13.54 -18.81
N PRO B 245 13.87 14.46 -19.29
CA PRO B 245 15.32 14.17 -19.37
C PRO B 245 15.98 13.97 -18.01
N LYS B 246 15.72 14.84 -17.05
CA LYS B 246 16.38 14.70 -15.76
C LYS B 246 15.66 13.70 -14.88
N ALA B 247 14.59 13.09 -15.40
CA ALA B 247 13.83 12.13 -14.62
C ALA B 247 14.67 10.88 -14.41
N ILE B 248 14.85 10.51 -13.15
CA ILE B 248 15.38 9.19 -12.81
C ILE B 248 14.64 8.12 -13.61
N ARG B 249 15.40 7.24 -14.24
CA ARG B 249 14.85 6.26 -15.16
C ARG B 249 14.80 4.88 -14.53
N LEU B 250 13.62 4.33 -14.39
CA LEU B 250 13.48 3.01 -13.83
C LEU B 250 13.12 2.08 -14.98
N SER B 251 13.58 0.83 -14.90
CA SER B 251 13.19 -0.17 -15.89
C SER B 251 12.66 -1.41 -15.20
N ILE B 252 11.77 -2.11 -15.91
CA ILE B 252 11.23 -3.36 -15.39
C ILE B 252 12.10 -4.52 -15.83
N HIS B 253 13.22 -4.20 -16.45
CA HIS B 253 14.19 -5.19 -16.86
C HIS B 253 15.46 -5.09 -16.02
N PRO B 254 16.17 -6.20 -15.85
CA PRO B 254 17.47 -6.12 -15.17
C PRO B 254 18.38 -5.20 -15.96
N GLN B 255 19.16 -4.40 -15.24
CA GLN B 255 20.01 -3.40 -15.92
C GLN B 255 21.42 -3.44 -15.32
N PRO B 256 22.46 -3.08 -16.09
CA PRO B 256 23.81 -3.03 -15.58
C PRO B 256 23.95 -1.88 -14.56
N ALA B 257 24.85 -2.03 -13.60
CA ALA B 257 25.04 -1.01 -12.55
C ALA B 257 25.45 0.30 -13.23
N ASP B 258 26.29 0.20 -14.25
CA ASP B 258 26.73 1.39 -15.00
C ASP B 258 25.54 2.08 -15.67
N SER B 259 24.58 1.33 -16.19
CA SER B 259 23.49 1.94 -17.00
C SER B 259 22.65 2.93 -16.19
N ILE B 260 22.26 4.02 -16.84
CA ILE B 260 21.37 5.03 -16.18
C ILE B 260 20.10 4.29 -15.76
N LYS B 261 19.61 3.39 -16.61
CA LYS B 261 18.37 2.73 -16.28
C LYS B 261 18.54 1.92 -14.98
N PHE B 262 17.47 1.85 -14.19
CA PHE B 262 17.52 1.11 -12.93
C PHE B 262 16.39 0.08 -12.89
N GLY B 263 16.76 -1.19 -12.74
CA GLY B 263 15.78 -2.25 -12.74
C GLY B 263 15.10 -2.36 -11.40
N ILE B 264 13.77 -2.50 -11.42
CA ILE B 264 12.93 -2.44 -10.23
C ILE B 264 12.07 -3.69 -10.17
N HIS B 265 11.86 -4.20 -8.96
CA HIS B 265 10.89 -5.24 -8.72
C HIS B 265 9.69 -4.59 -8.06
N MET B 266 8.49 -5.09 -8.36
CA MET B 266 7.30 -4.51 -7.76
C MET B 266 6.53 -5.51 -6.92
N MET B 267 6.97 -6.75 -6.90
CA MET B 267 6.39 -7.87 -6.18
C MET B 267 7.54 -8.81 -5.95
N PRO B 268 7.43 -9.74 -5.01
CA PRO B 268 8.38 -10.85 -4.98
C PRO B 268 8.16 -11.76 -6.16
N THR B 269 9.26 -12.24 -6.75
CA THR B 269 9.20 -13.12 -7.91
C THR B 269 10.46 -13.96 -7.92
N ARG B 270 10.35 -15.18 -8.46
CA ARG B 270 11.54 -16.03 -8.56
C ARG B 270 12.32 -15.80 -9.87
N ASP B 271 11.68 -15.24 -10.89
CA ASP B 271 12.31 -14.88 -12.17
C ASP B 271 12.72 -13.42 -12.10
N ASP B 272 13.99 -13.11 -12.37
CA ASP B 272 14.32 -11.70 -12.44
C ASP B 272 13.64 -10.96 -13.61
N TRP B 273 13.00 -11.65 -14.53
CA TRP B 273 12.33 -11.02 -15.68
C TRP B 273 10.82 -10.96 -15.56
N LEU B 274 10.24 -11.75 -14.67
CA LEU B 274 8.80 -11.88 -14.62
C LEU B 274 8.12 -10.59 -14.16
N THR B 275 7.12 -10.16 -14.92
CA THR B 275 6.42 -8.92 -14.57
C THR B 275 4.93 -9.21 -14.48
N PRO B 276 4.19 -8.38 -13.73
CA PRO B 276 2.77 -8.66 -13.46
C PRO B 276 1.88 -8.75 -14.69
N TRP B 277 2.25 -8.13 -15.81
CA TRP B 277 1.40 -8.34 -16.98
C TRP B 277 1.76 -9.59 -17.74
N HIS B 278 2.78 -10.34 -17.30
CA HIS B 278 3.10 -11.67 -17.80
C HIS B 278 2.82 -12.76 -16.77
N GLY B 279 2.06 -12.46 -15.72
CA GLY B 279 2.01 -13.42 -14.63
C GLY B 279 0.71 -13.60 -13.85
N VAL B 280 0.84 -14.21 -12.67
CA VAL B 280 -0.24 -14.29 -11.70
C VAL B 280 0.29 -14.00 -10.30
N ALA B 281 -0.58 -13.40 -9.47
CA ALA B 281 -0.27 -13.18 -8.06
C ALA B 281 -0.72 -14.41 -7.26
N ALA B 282 0.19 -14.99 -6.49
CA ALA B 282 -0.09 -16.19 -5.68
C ALA B 282 0.19 -15.89 -4.22
N ASN B 283 -0.81 -16.17 -3.37
CA ASN B 283 -0.69 -16.05 -1.93
C ASN B 283 -0.39 -17.43 -1.37
N VAL B 284 0.83 -17.66 -0.92
CA VAL B 284 1.20 -18.97 -0.41
C VAL B 284 1.80 -18.76 0.98
N ASN B 285 1.10 -19.22 2.02
CA ASN B 285 1.58 -19.07 3.39
C ASN B 285 1.85 -17.61 3.70
N GLY B 286 0.84 -16.78 3.46
CA GLY B 286 0.97 -15.38 3.82
C GLY B 286 2.08 -14.65 3.11
N GLN B 287 2.41 -15.06 1.88
CA GLN B 287 3.34 -14.36 1.01
C GLN B 287 2.75 -14.30 -0.39
N PHE B 288 2.64 -13.09 -0.94
CA PHE B 288 2.25 -12.93 -2.34
C PHE B 288 3.45 -13.06 -3.26
N ILE B 289 3.35 -13.96 -4.24
CA ILE B 289 4.45 -14.12 -5.17
C ILE B 289 3.94 -14.02 -6.59
N LEU B 290 4.78 -13.49 -7.45
CA LEU B 290 4.51 -13.38 -8.87
C LEU B 290 5.02 -14.64 -9.53
N MET B 291 4.09 -15.45 -10.04
CA MET B 291 4.44 -16.68 -10.73
C MET B 291 3.49 -16.86 -11.92
N LYS B 292 3.80 -17.83 -12.78
CA LYS B 292 3.02 -18.04 -13.99
C LYS B 292 1.78 -18.90 -13.71
N HIS B 293 0.75 -18.67 -14.54
CA HIS B 293 -0.56 -19.28 -14.33
C HIS B 293 -0.46 -20.81 -14.32
N LYS B 294 0.40 -21.36 -15.17
CA LYS B 294 0.69 -22.79 -15.07
C LYS B 294 1.18 -23.14 -13.69
N GLU B 295 2.25 -22.47 -13.25
CA GLU B 295 2.92 -22.84 -12.00
C GLU B 295 1.95 -22.98 -10.83
N VAL B 296 1.00 -22.05 -10.70
CA VAL B 296 0.12 -22.11 -9.53
C VAL B 296 -0.91 -23.22 -9.69
N GLN B 297 -1.48 -23.38 -10.88
CA GLN B 297 -2.41 -24.49 -11.05
C GLN B 297 -1.71 -25.80 -10.74
N MET B 298 -0.49 -25.97 -11.25
CA MET B 298 0.30 -27.17 -10.89
C MET B 298 0.25 -27.36 -9.37
N MET B 299 0.30 -26.27 -8.61
CA MET B 299 0.21 -26.33 -7.12
C MET B 299 -1.18 -26.87 -6.73
N GLY B 300 -2.23 -26.50 -7.46
CA GLY B 300 -3.59 -26.89 -7.07
C GLY B 300 -4.21 -25.90 -6.10
N GLY B 301 -3.54 -24.77 -5.89
CA GLY B 301 -4.08 -23.71 -5.01
C GLY B 301 -5.38 -23.13 -5.55
N LYS B 302 -6.33 -22.82 -4.67
CA LYS B 302 -7.68 -22.34 -5.08
C LYS B 302 -7.62 -20.98 -5.78
N LEU B 303 -8.46 -20.77 -6.79
CA LEU B 303 -8.55 -19.45 -7.48
C LEU B 303 -9.48 -18.54 -6.69
N VAL B 304 -9.21 -17.23 -6.66
CA VAL B 304 -10.02 -16.29 -5.91
C VAL B 304 -10.55 -15.25 -6.88
N ASN B 305 -11.78 -14.78 -6.64
CA ASN B 305 -12.35 -13.76 -7.51
C ASN B 305 -12.81 -12.59 -6.67
N ILE B 306 -12.48 -11.39 -7.12
CA ILE B 306 -12.84 -10.15 -6.44
C ILE B 306 -13.45 -9.23 -7.48
N HIS B 307 -14.58 -8.57 -7.13
CA HIS B 307 -15.39 -7.82 -8.11
C HIS B 307 -15.92 -8.74 -9.21
N GLY B 308 -16.25 -9.99 -8.86
CA GLY B 308 -16.62 -10.94 -9.90
C GLY B 308 -15.44 -11.50 -10.66
N LYS B 309 -14.59 -10.64 -11.24
CA LYS B 309 -13.39 -11.10 -12.00
C LYS B 309 -12.41 -11.79 -11.05
N PRO B 310 -11.66 -12.84 -11.46
CA PRO B 310 -10.66 -13.41 -10.57
C PRO B 310 -9.54 -12.38 -10.46
N SER B 311 -9.00 -12.17 -9.26
CA SER B 311 -7.80 -11.31 -9.14
C SER B 311 -6.49 -12.04 -8.77
N HIS B 312 -6.61 -13.10 -7.96
CA HIS B 312 -5.40 -13.83 -7.49
C HIS B 312 -5.64 -15.29 -7.08
N TYR B 313 -4.58 -16.09 -7.07
CA TYR B 313 -4.72 -17.49 -6.57
C TYR B 313 -4.18 -17.60 -5.14
N VAL B 314 -4.74 -18.50 -4.32
CA VAL B 314 -4.22 -18.75 -2.98
C VAL B 314 -3.76 -20.19 -2.92
N ILE B 315 -2.59 -20.40 -2.32
CA ILE B 315 -2.08 -21.76 -2.03
C ILE B 315 -1.80 -21.95 -0.54
P PO4 C . -8.54 2.25 23.33
O1 PO4 C . -9.00 1.18 24.33
O2 PO4 C . -7.31 2.90 23.90
O3 PO4 C . -8.33 1.69 21.92
O4 PO4 C . -9.60 3.32 23.24
C10 I3J D . -18.35 6.95 18.19
C12 I3J D . -14.31 6.52 18.08
C01 I3J D . -13.68 3.92 20.23
C03 I3J D . -15.05 5.22 18.46
C04 I3J D . -16.43 5.55 19.04
C05 I3J D . -17.47 5.91 17.98
C06 I3J D . -17.52 5.18 16.79
C07 I3J D . -18.47 5.49 15.83
C08 I3J D . -19.36 6.54 16.04
C09 I3J D . -19.30 7.27 17.22
N02 I3J D . -14.28 4.49 19.45
O11 I3J D . -20.31 6.87 15.07
O13 I3J D . -14.00 6.75 16.89
O14 I3J D . -14.02 7.37 18.97
P PO4 E . 13.92 -0.63 -20.89
O1 PO4 E . 12.63 -0.58 -20.09
O2 PO4 E . 13.65 -0.52 -22.39
O3 PO4 E . 14.79 0.54 -20.51
O4 PO4 E . 14.68 -1.92 -20.61
#